data_6ATJ
#
_entry.id   6ATJ
#
_cell.length_a   40.297
_cell.length_b   67.272
_cell.length_c   117.646
_cell.angle_alpha   90.00
_cell.angle_beta   90.00
_cell.angle_gamma   90.00
#
_symmetry.space_group_name_H-M   'P 21 21 21'
#
loop_
_entity.id
_entity.type
_entity.pdbx_description
1 polymer 'PEROXIDASE C1A'
2 non-polymer 'CALCIUM ION'
3 non-polymer 'PROTOPORPHYRIN IX CONTAINING FE'
4 non-polymer '3-(4-HYDROXY-3-METHOXYPHENYL)-2-PROPENOIC ACID'
5 water water
#
_entity_poly.entity_id   1
_entity_poly.type   'polypeptide(L)'
_entity_poly.pdbx_seq_one_letter_code
;QLTPTFYDNSCPNVSNIVRDTIVNELRSDPRIAASILRLHFHDCFVNGCDASILLDNTTSFRTEKDAFGNANSARGFPVI
DRMKAAVESACPRTVSCADLLTIAAQQSVTLAGGPSWRVPLGRRDSLQAFLDLANANLPAPFFTLPQLKDSFRNVGLNRS
SDLVALSGGHTFGKNQCRFIMDRLYNFSNTGLPDPTLNTTYLQTLRGLCPLNGNLSALVDFDLRTPTIFDNKYYVNLEEQ
KGLIQSDQELFSSPNATDTIPLVRSFANSTQTFFNAFVEAMDRMGNITPLTGTQGQIRLNCRVVNSNS
;
_entity_poly.pdbx_strand_id   A
#
# COMPACT_ATOMS: atom_id res chain seq x y z
N GLN A 1 22.36 -8.54 5.25
CA GLN A 1 21.90 -7.62 4.18
C GLN A 1 20.90 -8.36 3.30
N LEU A 2 19.81 -7.71 2.93
CA LEU A 2 18.82 -8.35 2.05
C LEU A 2 19.43 -8.39 0.64
N THR A 3 19.08 -9.39 -0.15
CA THR A 3 19.62 -9.51 -1.51
C THR A 3 18.58 -10.09 -2.46
N PRO A 4 18.54 -9.59 -3.71
CA PRO A 4 17.58 -10.07 -4.70
C PRO A 4 17.72 -11.53 -5.11
N THR A 5 18.92 -12.08 -4.97
CA THR A 5 19.16 -13.46 -5.37
C THR A 5 18.95 -14.50 -4.28
N PHE A 6 18.45 -14.06 -3.13
CA PHE A 6 18.25 -14.96 -1.98
C PHE A 6 17.65 -16.34 -2.27
N TYR A 7 16.68 -16.42 -3.19
CA TYR A 7 16.09 -17.71 -3.50
C TYR A 7 16.49 -18.26 -4.88
N ASP A 8 17.49 -17.67 -5.51
CA ASP A 8 17.87 -18.15 -6.83
C ASP A 8 18.28 -19.61 -6.87
N ASN A 9 18.77 -20.14 -5.74
CA ASN A 9 19.17 -21.54 -5.65
C ASN A 9 18.12 -22.42 -4.96
N SER A 10 17.57 -21.93 -3.85
CA SER A 10 16.58 -22.70 -3.09
C SER A 10 15.16 -22.75 -3.66
N CYS A 11 14.73 -21.71 -4.37
CA CYS A 11 13.37 -21.68 -4.93
C CYS A 11 13.35 -20.76 -6.11
N PRO A 12 14.05 -21.14 -7.20
CA PRO A 12 14.12 -20.32 -8.42
C PRO A 12 12.80 -19.91 -9.04
N ASN A 13 11.75 -20.66 -8.80
CA ASN A 13 10.45 -20.33 -9.39
C ASN A 13 9.48 -19.56 -8.49
N VAL A 14 9.93 -19.11 -7.33
CA VAL A 14 9.03 -18.40 -6.42
C VAL A 14 8.32 -17.20 -7.07
N SER A 15 9.08 -16.36 -7.77
CA SER A 15 8.51 -15.19 -8.43
C SER A 15 7.43 -15.55 -9.46
N ASN A 16 7.66 -16.62 -10.21
N ASN A 16 7.64 -16.60 -10.24
CA ASN A 16 6.75 -17.07 -11.25
CA ASN A 16 6.67 -17.01 -11.25
C ASN A 16 5.44 -17.63 -10.69
C ASN A 16 5.40 -17.60 -10.66
N ILE A 17 5.54 -18.35 -9.57
CA ILE A 17 4.39 -18.96 -8.92
C ILE A 17 3.50 -17.83 -8.40
N VAL A 18 4.14 -16.83 -7.82
CA VAL A 18 3.45 -15.66 -7.27
C VAL A 18 2.73 -14.93 -8.41
N ARG A 19 3.44 -14.73 -9.52
CA ARG A 19 2.87 -14.05 -10.67
C ARG A 19 1.65 -14.80 -11.20
N ASP A 20 1.78 -16.10 -11.40
CA ASP A 20 0.66 -16.88 -11.93
C ASP A 20 -0.56 -16.80 -11.03
N THR A 21 -0.32 -16.77 -9.72
CA THR A 21 -1.43 -16.69 -8.78
C THR A 21 -2.17 -15.39 -8.96
N ILE A 22 -1.44 -14.29 -9.08
CA ILE A 22 -2.10 -12.99 -9.22
C ILE A 22 -2.83 -12.86 -10.57
N VAL A 23 -2.21 -13.34 -11.64
CA VAL A 23 -2.84 -13.29 -12.94
C VAL A 23 -4.20 -13.98 -12.92
N ASN A 24 -4.27 -15.18 -12.35
CA ASN A 24 -5.53 -15.90 -12.28
C ASN A 24 -6.54 -15.17 -11.42
N GLU A 25 -6.09 -14.62 -10.29
CA GLU A 25 -7.01 -13.93 -9.40
C GLU A 25 -7.55 -12.67 -10.07
N LEU A 26 -6.70 -11.97 -10.80
CA LEU A 26 -7.13 -10.74 -11.47
C LEU A 26 -8.31 -10.93 -12.44
N ARG A 27 -8.48 -12.13 -12.98
CA ARG A 27 -9.58 -12.38 -13.91
C ARG A 27 -10.93 -12.23 -13.22
N SER A 28 -11.01 -12.63 -11.96
CA SER A 28 -12.27 -12.52 -11.25
C SER A 28 -12.31 -11.35 -10.28
N ASP A 29 -11.14 -10.86 -9.89
CA ASP A 29 -11.06 -9.70 -8.98
C ASP A 29 -9.98 -8.75 -9.50
N PRO A 30 -10.39 -7.78 -10.34
CA PRO A 30 -9.50 -6.78 -10.93
C PRO A 30 -8.85 -5.82 -9.92
N ARG A 31 -9.30 -5.88 -8.68
CA ARG A 31 -8.79 -5.01 -7.62
C ARG A 31 -7.65 -5.63 -6.80
N ILE A 32 -7.47 -6.94 -6.92
CA ILE A 32 -6.46 -7.66 -6.15
C ILE A 32 -5.01 -7.17 -6.21
N ALA A 33 -4.56 -6.66 -7.36
CA ALA A 33 -3.18 -6.18 -7.45
C ALA A 33 -3.02 -4.99 -6.51
N ALA A 34 -3.99 -4.08 -6.56
CA ALA A 34 -3.98 -2.90 -5.69
C ALA A 34 -4.05 -3.34 -4.22
N SER A 35 -4.89 -4.32 -3.94
CA SER A 35 -5.06 -4.81 -2.57
C SER A 35 -3.78 -5.39 -1.98
N ILE A 36 -3.05 -6.14 -2.80
CA ILE A 36 -1.81 -6.77 -2.37
C ILE A 36 -0.69 -5.77 -2.12
N LEU A 37 -0.60 -4.74 -2.95
CA LEU A 37 0.42 -3.74 -2.72
C LEU A 37 0.16 -3.09 -1.36
N ARG A 38 -1.10 -2.80 -1.09
CA ARG A 38 -1.45 -2.17 0.19
C ARG A 38 -1.11 -3.05 1.37
N LEU A 39 -1.33 -4.36 1.24
CA LEU A 39 -0.99 -5.27 2.34
C LEU A 39 0.49 -5.19 2.73
N HIS A 40 1.35 -5.13 1.73
CA HIS A 40 2.79 -5.05 1.95
C HIS A 40 3.12 -3.74 2.66
N PHE A 41 2.47 -2.65 2.23
CA PHE A 41 2.67 -1.35 2.82
C PHE A 41 2.29 -1.39 4.32
N HIS A 42 1.15 -1.99 4.63
CA HIS A 42 0.69 -2.07 6.02
C HIS A 42 1.53 -3.04 6.85
N ASP A 43 2.19 -3.98 6.18
CA ASP A 43 3.07 -4.90 6.88
C ASP A 43 4.31 -4.11 7.29
N CYS A 44 4.95 -3.49 6.32
CA CYS A 44 6.17 -2.73 6.55
C CYS A 44 6.10 -1.55 7.51
N PHE A 45 4.95 -0.89 7.62
CA PHE A 45 4.83 0.26 8.53
C PHE A 45 4.57 -0.15 9.99
N VAL A 46 4.58 -1.45 10.28
CA VAL A 46 4.34 -1.93 11.64
C VAL A 46 5.36 -3.02 11.94
N ASN A 47 6.37 -2.62 12.71
CA ASN A 47 7.48 -3.47 13.07
C ASN A 47 8.25 -3.98 11.86
N GLY A 48 8.15 -3.26 10.75
CA GLY A 48 8.88 -3.66 9.56
C GLY A 48 8.17 -4.73 8.75
N CYS A 49 8.77 -5.12 7.62
CA CYS A 49 8.15 -6.11 6.74
C CYS A 49 8.46 -7.51 7.27
N ASP A 50 7.62 -7.94 8.20
CA ASP A 50 7.77 -9.22 8.88
C ASP A 50 6.54 -10.11 8.80
N ALA A 51 5.60 -9.77 7.92
CA ALA A 51 4.36 -10.54 7.78
C ALA A 51 3.54 -10.54 9.07
N SER A 52 3.82 -9.60 9.97
CA SER A 52 3.06 -9.55 11.21
C SER A 52 1.60 -9.31 10.90
N ILE A 53 1.33 -8.57 9.82
CA ILE A 53 -0.05 -8.27 9.45
C ILE A 53 -0.86 -9.50 9.06
N LEU A 54 -0.19 -10.56 8.62
CA LEU A 54 -0.90 -11.76 8.19
C LEU A 54 -1.37 -12.66 9.35
N LEU A 55 -0.86 -12.42 10.54
CA LEU A 55 -1.26 -13.24 11.69
C LEU A 55 -2.69 -13.01 12.13
N ASP A 56 -3.39 -14.10 12.46
CA ASP A 56 -4.74 -14.00 12.94
C ASP A 56 -4.69 -13.92 14.47
N ASN A 57 -5.85 -13.71 15.08
CA ASN A 57 -5.99 -13.59 16.53
C ASN A 57 -5.55 -14.83 17.31
N THR A 58 -5.02 -14.61 18.51
CA THR A 58 -4.66 -15.70 19.41
C THR A 58 -5.07 -15.15 20.77
N THR A 59 -5.12 -15.99 21.80
CA THR A 59 -5.53 -15.48 23.11
C THR A 59 -4.47 -14.59 23.74
N SER A 60 -3.25 -14.58 23.20
CA SER A 60 -2.21 -13.74 23.81
C SER A 60 -1.93 -12.41 23.10
N PHE A 61 -2.33 -12.28 21.84
CA PHE A 61 -2.15 -11.03 21.13
C PHE A 61 -3.24 -10.85 20.08
N ARG A 62 -3.66 -9.61 19.87
CA ARG A 62 -4.71 -9.32 18.89
C ARG A 62 -4.10 -9.16 17.51
N THR A 63 -4.89 -9.51 16.49
CA THR A 63 -4.47 -9.39 15.11
C THR A 63 -4.48 -7.92 14.64
N GLU A 64 -3.55 -7.58 13.75
CA GLU A 64 -3.50 -6.24 13.19
C GLU A 64 -4.68 -6.04 12.26
N LYS A 65 -5.34 -7.13 11.89
CA LYS A 65 -6.48 -7.04 10.99
C LYS A 65 -7.63 -6.22 11.58
N ASP A 66 -7.58 -6.01 12.90
CA ASP A 66 -8.61 -5.23 13.57
C ASP A 66 -8.22 -3.78 13.83
N ALA A 67 -7.11 -3.36 13.24
CA ALA A 67 -6.66 -1.97 13.38
C ALA A 67 -7.56 -1.07 12.55
N PHE A 68 -7.63 0.20 12.92
CA PHE A 68 -8.47 1.12 12.19
C PHE A 68 -8.11 1.17 10.71
N GLY A 69 -6.83 1.04 10.38
CA GLY A 69 -6.42 1.06 9.00
C GLY A 69 -6.66 -0.23 8.23
N ASN A 70 -6.91 -1.33 8.95
CA ASN A 70 -7.15 -2.63 8.32
C ASN A 70 -8.56 -3.19 8.37
N ALA A 71 -9.25 -2.96 9.49
CA ALA A 71 -10.60 -3.50 9.66
C ALA A 71 -11.56 -3.05 8.58
N ASN A 72 -12.31 -4.01 8.03
CA ASN A 72 -13.29 -3.74 6.97
C ASN A 72 -12.61 -2.86 5.92
N SER A 73 -11.34 -3.17 5.64
CA SER A 73 -10.59 -2.39 4.69
C SER A 73 -9.52 -3.21 3.96
N ALA A 74 -8.58 -3.78 4.71
CA ALA A 74 -7.53 -4.59 4.09
C ALA A 74 -8.18 -5.83 3.49
N ARG A 75 -7.62 -6.36 2.42
CA ARG A 75 -8.21 -7.54 1.77
C ARG A 75 -7.18 -8.34 0.96
N GLY A 76 -7.59 -9.52 0.50
CA GLY A 76 -6.71 -10.36 -0.30
C GLY A 76 -5.98 -11.44 0.47
N PHE A 77 -6.19 -11.52 1.79
CA PHE A 77 -5.50 -12.51 2.60
C PHE A 77 -5.57 -13.96 2.09
N PRO A 78 -6.72 -14.39 1.57
CA PRO A 78 -6.80 -15.77 1.07
C PRO A 78 -5.91 -15.93 -0.16
N VAL A 79 -5.76 -14.87 -0.93
CA VAL A 79 -4.93 -14.95 -2.13
C VAL A 79 -3.48 -15.17 -1.71
N ILE A 80 -3.10 -14.55 -0.60
CA ILE A 80 -1.74 -14.72 -0.09
C ILE A 80 -1.60 -16.17 0.36
N ASP A 81 -2.66 -16.71 0.98
CA ASP A 81 -2.62 -18.12 1.42
C ASP A 81 -2.45 -19.08 0.22
N ARG A 82 -3.11 -18.76 -0.90
CA ARG A 82 -3.04 -19.61 -2.09
C ARG A 82 -1.62 -19.66 -2.64
N MET A 83 -1.03 -18.49 -2.88
CA MET A 83 0.34 -18.51 -3.40
C MET A 83 1.32 -19.12 -2.39
N LYS A 84 1.05 -18.95 -1.09
CA LYS A 84 1.94 -19.53 -0.07
C LYS A 84 1.87 -21.05 -0.17
N ALA A 85 0.68 -21.60 -0.31
CA ALA A 85 0.52 -23.06 -0.43
C ALA A 85 1.24 -23.59 -1.66
N ALA A 86 1.12 -22.86 -2.76
CA ALA A 86 1.75 -23.26 -4.01
C ALA A 86 3.28 -23.21 -3.85
N VAL A 87 3.78 -22.15 -3.25
CA VAL A 87 5.23 -22.03 -3.03
C VAL A 87 5.72 -23.12 -2.08
N GLU A 88 4.95 -23.41 -1.03
CA GLU A 88 5.34 -24.47 -0.11
C GLU A 88 5.39 -25.83 -0.80
N SER A 89 4.54 -26.02 -1.80
N SER A 89 4.54 -26.01 -1.80
CA SER A 89 4.51 -27.29 -2.52
CA SER A 89 4.49 -27.27 -2.52
C SER A 89 5.76 -27.37 -3.39
C SER A 89 5.73 -27.38 -3.41
N ALA A 90 6.11 -26.26 -4.04
CA ALA A 90 7.27 -26.21 -4.92
C ALA A 90 8.59 -26.22 -4.16
N CYS A 91 8.65 -25.51 -3.04
N CYS A 91 8.62 -25.50 -3.04
CA CYS A 91 9.87 -25.47 -2.24
CA CYS A 91 9.82 -25.41 -2.22
C CYS A 91 9.54 -25.42 -0.75
C CYS A 91 9.47 -25.40 -0.73
N PRO A 92 9.35 -26.59 -0.12
CA PRO A 92 9.02 -26.74 1.30
C PRO A 92 9.85 -25.95 2.30
N ARG A 93 9.16 -25.22 3.17
CA ARG A 93 9.79 -24.46 4.23
C ARG A 93 10.94 -23.57 3.81
N THR A 94 10.78 -22.89 2.67
CA THR A 94 11.86 -22.05 2.16
C THR A 94 11.60 -20.56 2.12
N VAL A 95 10.46 -20.17 1.59
CA VAL A 95 10.13 -18.76 1.44
C VAL A 95 9.27 -18.23 2.59
N SER A 96 9.77 -17.20 3.26
CA SER A 96 9.04 -16.58 4.37
C SER A 96 7.82 -15.85 3.84
N CYS A 97 6.83 -15.67 4.70
CA CYS A 97 5.62 -14.95 4.31
C CYS A 97 5.98 -13.50 4.05
N ALA A 98 6.96 -12.98 4.79
CA ALA A 98 7.37 -11.60 4.64
C ALA A 98 7.93 -11.34 3.24
N ASP A 99 8.79 -12.23 2.77
CA ASP A 99 9.38 -12.14 1.45
C ASP A 99 8.30 -12.42 0.40
N LEU A 100 7.44 -13.40 0.67
CA LEU A 100 6.37 -13.74 -0.29
C LEU A 100 5.48 -12.53 -0.57
N LEU A 101 5.16 -11.77 0.48
CA LEU A 101 4.30 -10.60 0.32
C LEU A 101 5.02 -9.47 -0.38
N THR A 102 6.34 -9.42 -0.19
CA THR A 102 7.11 -8.36 -0.83
C THR A 102 7.09 -8.62 -2.34
N ILE A 103 7.30 -9.88 -2.72
CA ILE A 103 7.30 -10.28 -4.12
C ILE A 103 5.93 -10.05 -4.75
N ALA A 104 4.88 -10.38 -4.00
CA ALA A 104 3.51 -10.21 -4.47
C ALA A 104 3.21 -8.75 -4.77
N ALA A 105 3.74 -7.86 -3.95
CA ALA A 105 3.52 -6.43 -4.14
C ALA A 105 4.21 -5.98 -5.42
N GLN A 106 5.45 -6.41 -5.59
CA GLN A 106 6.21 -6.03 -6.78
C GLN A 106 5.55 -6.60 -8.05
N GLN A 107 5.16 -7.87 -8.00
CA GLN A 107 4.53 -8.50 -9.18
C GLN A 107 3.18 -7.86 -9.46
N SER A 108 2.48 -7.46 -8.40
CA SER A 108 1.19 -6.81 -8.55
C SER A 108 1.37 -5.50 -9.30
N VAL A 109 2.40 -4.73 -8.92
CA VAL A 109 2.68 -3.45 -9.56
C VAL A 109 3.03 -3.63 -11.04
N THR A 110 3.84 -4.63 -11.34
CA THR A 110 4.25 -4.89 -12.71
C THR A 110 3.06 -5.35 -13.56
N LEU A 111 2.26 -6.26 -13.03
CA LEU A 111 1.10 -6.76 -13.75
C LEU A 111 0.09 -5.65 -14.07
N ALA A 112 0.06 -4.62 -13.23
CA ALA A 112 -0.87 -3.50 -13.43
C ALA A 112 -0.28 -2.47 -14.40
N GLY A 113 0.89 -2.76 -14.96
CA GLY A 113 1.52 -1.86 -15.92
C GLY A 113 2.67 -1.03 -15.37
N GLY A 114 3.06 -1.30 -14.12
CA GLY A 114 4.13 -0.54 -13.50
C GLY A 114 5.51 -1.07 -13.78
N PRO A 115 6.53 -0.51 -13.12
CA PRO A 115 7.90 -0.99 -13.36
C PRO A 115 8.10 -2.43 -12.92
N SER A 116 9.16 -3.02 -13.44
CA SER A 116 9.52 -4.40 -13.14
C SER A 116 10.93 -4.39 -12.55
N TRP A 117 11.10 -5.03 -11.39
CA TRP A 117 12.42 -5.07 -10.75
C TRP A 117 12.46 -6.25 -9.80
N ARG A 118 13.66 -6.62 -9.35
CA ARG A 118 13.82 -7.73 -8.42
C ARG A 118 14.01 -7.16 -7.03
N VAL A 119 13.10 -7.49 -6.13
CA VAL A 119 13.15 -7.00 -4.77
C VAL A 119 14.20 -7.71 -3.92
N PRO A 120 14.81 -6.98 -2.98
CA PRO A 120 15.81 -7.60 -2.12
C PRO A 120 15.02 -8.64 -1.32
N LEU A 121 15.64 -9.77 -1.02
CA LEU A 121 14.97 -10.82 -0.27
C LEU A 121 15.82 -11.29 0.94
N GLY A 122 15.23 -12.12 1.79
CA GLY A 122 15.93 -12.63 2.97
C GLY A 122 15.21 -12.29 4.28
N ARG A 123 14.03 -11.67 4.19
CA ARG A 123 13.26 -11.33 5.39
C ARG A 123 12.69 -12.58 6.03
N ARG A 124 12.47 -12.52 7.35
CA ARG A 124 11.86 -13.64 8.07
C ARG A 124 10.61 -13.17 8.81
N ASP A 125 9.79 -14.13 9.19
CA ASP A 125 8.48 -13.89 9.80
C ASP A 125 8.46 -13.67 11.31
N SER A 126 7.69 -12.67 11.72
CA SER A 126 7.52 -12.31 13.13
C SER A 126 6.89 -13.44 13.93
N LEU A 127 7.03 -13.37 15.26
CA LEU A 127 6.48 -14.36 16.17
C LEU A 127 5.28 -13.77 16.93
N GLN A 128 4.82 -12.61 16.49
CA GLN A 128 3.68 -11.94 17.12
C GLN A 128 3.15 -10.85 16.19
N ALA A 129 1.98 -10.33 16.51
CA ALA A 129 1.35 -9.26 15.72
C ALA A 129 1.30 -8.02 16.59
N PHE A 130 1.12 -6.86 15.98
CA PHE A 130 1.14 -5.61 16.75
C PHE A 130 -0.05 -4.68 16.49
N LEU A 131 -1.20 -5.00 17.09
CA LEU A 131 -2.39 -4.17 16.87
C LEU A 131 -2.22 -2.71 17.28
N ASP A 132 -1.78 -2.48 18.52
CA ASP A 132 -1.57 -1.11 18.99
C ASP A 132 -0.58 -0.34 18.11
N LEU A 133 0.52 -0.99 17.75
CA LEU A 133 1.52 -0.32 16.92
C LEU A 133 0.89 0.01 15.56
N ALA A 134 0.03 -0.87 15.07
CA ALA A 134 -0.62 -0.64 13.78
C ALA A 134 -1.53 0.59 13.88
N ASN A 135 -2.27 0.69 14.99
CA ASN A 135 -3.15 1.85 15.16
C ASN A 135 -2.36 3.14 15.31
N ALA A 136 -1.16 3.04 15.86
CA ALA A 136 -0.35 4.24 16.05
C ALA A 136 0.45 4.62 14.82
N ASN A 137 0.88 3.61 14.08
CA ASN A 137 1.76 3.82 12.92
C ASN A 137 1.17 4.04 11.54
N LEU A 138 0.02 3.47 11.25
CA LEU A 138 -0.57 3.65 9.93
C LEU A 138 -1.13 5.06 9.76
N PRO A 139 -0.70 5.76 8.71
CA PRO A 139 -1.19 7.13 8.49
C PRO A 139 -2.66 7.09 8.10
N ALA A 140 -3.35 8.19 8.34
CA ALA A 140 -4.78 8.31 8.05
C ALA A 140 -5.07 9.27 6.88
N PRO A 141 -6.18 9.06 6.17
CA PRO A 141 -6.50 9.95 5.04
C PRO A 141 -6.74 11.40 5.45
N PHE A 142 -7.12 11.61 6.71
CA PHE A 142 -7.36 12.96 7.22
C PHE A 142 -6.12 13.62 7.81
N PHE A 143 -4.96 12.99 7.64
CA PHE A 143 -3.70 13.58 8.15
C PHE A 143 -3.31 14.82 7.35
N THR A 144 -2.66 15.79 8.01
CA THR A 144 -2.17 16.99 7.32
C THR A 144 -0.82 16.57 6.75
N LEU A 145 -0.19 17.39 5.92
CA LEU A 145 1.11 17.02 5.37
C LEU A 145 2.12 16.82 6.51
N PRO A 146 2.15 17.73 7.49
CA PRO A 146 3.12 17.50 8.57
C PRO A 146 2.94 16.13 9.23
N GLN A 147 1.68 15.71 9.44
CA GLN A 147 1.42 14.40 10.04
C GLN A 147 1.84 13.23 9.16
N LEU A 148 1.66 13.37 7.85
CA LEU A 148 2.05 12.31 6.91
C LEU A 148 3.58 12.17 6.98
N LYS A 149 4.27 13.30 6.97
CA LYS A 149 5.74 13.30 7.04
C LYS A 149 6.17 12.66 8.35
N ASP A 150 5.51 13.05 9.44
CA ASP A 150 5.81 12.48 10.76
C ASP A 150 5.57 10.96 10.73
N SER A 151 4.53 10.54 10.04
CA SER A 151 4.21 9.11 9.96
C SER A 151 5.31 8.31 9.26
N PHE A 152 5.77 8.83 8.13
CA PHE A 152 6.83 8.14 7.40
C PHE A 152 8.15 8.15 8.16
N ARG A 153 8.53 9.32 8.68
CA ARG A 153 9.76 9.42 9.45
C ARG A 153 9.78 8.45 10.63
N ASN A 154 8.64 8.31 11.30
CA ASN A 154 8.53 7.41 12.47
C ASN A 154 8.91 5.96 12.16
N VAL A 155 8.66 5.50 10.93
CA VAL A 155 9.00 4.13 10.59
C VAL A 155 10.35 4.06 9.87
N GLY A 156 10.98 5.20 9.64
CA GLY A 156 12.28 5.18 9.01
C GLY A 156 12.43 5.75 7.61
N LEU A 157 11.39 6.36 7.07
CA LEU A 157 11.47 6.95 5.74
C LEU A 157 11.50 8.46 5.87
N ASN A 158 12.71 9.04 5.94
CA ASN A 158 12.88 10.48 6.12
C ASN A 158 12.65 11.36 4.91
N ARG A 159 12.80 10.79 3.72
CA ARG A 159 12.72 11.58 2.49
C ARG A 159 11.34 11.91 1.97
N SER A 160 11.18 13.15 1.54
CA SER A 160 9.91 13.59 1.00
C SER A 160 9.66 12.80 -0.29
N SER A 161 10.72 12.31 -0.92
CA SER A 161 10.55 11.54 -2.14
C SER A 161 9.91 10.19 -1.80
N ASP A 162 10.18 9.68 -0.60
CA ASP A 162 9.58 8.42 -0.18
C ASP A 162 8.06 8.62 -0.10
N LEU A 163 7.66 9.71 0.55
CA LEU A 163 6.25 10.00 0.73
C LEU A 163 5.52 10.26 -0.58
N VAL A 164 6.08 11.14 -1.40
CA VAL A 164 5.45 11.49 -2.67
C VAL A 164 5.42 10.30 -3.63
N ALA A 165 6.52 9.56 -3.74
CA ALA A 165 6.56 8.43 -4.65
C ALA A 165 5.69 7.26 -4.19
N LEU A 166 5.78 6.90 -2.91
CA LEU A 166 4.98 5.79 -2.42
C LEU A 166 3.49 6.14 -2.44
N SER A 167 3.16 7.41 -2.37
CA SER A 167 1.76 7.82 -2.42
C SER A 167 1.19 7.50 -3.81
N GLY A 168 2.09 7.31 -4.79
CA GLY A 168 1.67 6.98 -6.15
C GLY A 168 0.96 5.65 -6.20
N GLY A 169 1.02 4.90 -5.11
CA GLY A 169 0.31 3.63 -5.08
C GLY A 169 -1.18 3.87 -5.23
N HIS A 170 -1.59 5.15 -5.15
CA HIS A 170 -2.99 5.49 -5.31
C HIS A 170 -3.28 5.76 -6.78
N THR A 171 -2.41 5.24 -7.65
CA THR A 171 -2.62 5.38 -9.09
C THR A 171 -3.66 4.32 -9.48
N PHE A 172 -4.01 3.45 -8.53
CA PHE A 172 -5.05 2.46 -8.75
C PHE A 172 -5.73 2.08 -7.43
N GLY A 173 -6.70 1.18 -7.47
CA GLY A 173 -7.36 0.77 -6.24
C GLY A 173 -8.60 1.57 -5.85
N LYS A 174 -9.25 1.14 -4.78
CA LYS A 174 -10.50 1.76 -4.32
C LYS A 174 -10.41 2.40 -2.93
N ASN A 175 -11.36 3.30 -2.67
CA ASN A 175 -11.48 4.04 -1.42
C ASN A 175 -12.98 4.22 -1.11
N GLN A 176 -13.35 4.02 0.15
CA GLN A 176 -14.74 4.15 0.57
C GLN A 176 -15.19 5.59 0.74
N CYS A 177 -16.45 5.84 0.38
CA CYS A 177 -17.03 7.17 0.52
C CYS A 177 -16.77 7.69 1.92
N ARG A 178 -16.78 6.79 2.89
N ARG A 178 -16.78 6.79 2.89
CA ARG A 178 -16.55 7.12 4.30
CA ARG A 178 -16.54 7.11 4.29
C ARG A 178 -15.41 8.12 4.51
C ARG A 178 -15.41 8.11 4.51
N PHE A 179 -14.28 7.87 3.84
CA PHE A 179 -13.11 8.72 3.99
C PHE A 179 -13.01 10.06 3.30
N ILE A 180 -14.05 10.46 2.57
CA ILE A 180 -14.02 11.76 1.92
C ILE A 180 -15.28 12.57 2.23
N MET A 181 -16.18 12.00 3.03
CA MET A 181 -17.41 12.71 3.37
C MET A 181 -17.14 14.13 3.87
N ASP A 182 -16.10 14.28 4.70
CA ASP A 182 -15.78 15.60 5.24
C ASP A 182 -15.37 16.55 4.12
N ARG A 183 -14.52 16.08 3.21
CA ARG A 183 -14.06 16.93 2.12
C ARG A 183 -15.24 17.36 1.25
N LEU A 184 -16.23 16.48 1.11
CA LEU A 184 -17.38 16.79 0.26
C LEU A 184 -18.44 17.71 0.87
N TYR A 185 -18.65 17.61 2.18
CA TYR A 185 -19.70 18.42 2.77
C TYR A 185 -19.40 19.28 3.98
N ASN A 186 -18.37 18.91 4.75
CA ASN A 186 -18.04 19.68 5.95
C ASN A 186 -16.60 19.38 6.34
N PHE A 187 -15.69 20.12 5.72
CA PHE A 187 -14.28 19.93 5.95
C PHE A 187 -13.76 20.70 7.16
N SER A 188 -13.15 19.99 8.09
N SER A 188 -13.15 19.99 8.09
CA SER A 188 -12.59 20.61 9.29
CA SER A 188 -12.60 20.61 9.30
C SER A 188 -13.59 21.55 9.97
C SER A 188 -13.59 21.55 9.97
N ASN A 189 -14.82 21.07 10.13
CA ASN A 189 -15.87 21.84 10.78
C ASN A 189 -16.15 23.23 10.22
N THR A 190 -15.90 23.41 8.93
CA THR A 190 -16.12 24.71 8.30
C THR A 190 -17.52 24.77 7.76
N GLY A 191 -18.16 23.62 7.63
CA GLY A 191 -19.50 23.55 7.10
C GLY A 191 -19.44 23.67 5.58
N LEU A 192 -18.22 23.60 5.05
CA LEU A 192 -18.00 23.73 3.63
C LEU A 192 -17.11 22.63 3.09
N PRO A 193 -17.12 22.43 1.76
CA PRO A 193 -16.25 21.37 1.23
C PRO A 193 -14.81 21.85 1.30
N ASP A 194 -13.88 20.91 1.17
CA ASP A 194 -12.45 21.20 1.18
C ASP A 194 -12.18 22.09 -0.04
N PRO A 195 -11.66 23.32 0.15
CA PRO A 195 -11.40 24.18 -0.99
C PRO A 195 -10.28 23.72 -1.93
N THR A 196 -9.53 22.69 -1.55
CA THR A 196 -8.46 22.22 -2.43
C THR A 196 -8.93 21.10 -3.36
N LEU A 197 -10.23 20.83 -3.33
CA LEU A 197 -10.81 19.82 -4.20
C LEU A 197 -11.50 20.53 -5.38
N ASN A 198 -11.06 20.20 -6.60
CA ASN A 198 -11.61 20.81 -7.82
C ASN A 198 -13.16 20.81 -7.77
N THR A 199 -13.77 21.96 -8.02
CA THR A 199 -15.22 22.07 -7.93
C THR A 199 -16.00 21.17 -8.87
N THR A 200 -15.49 20.92 -10.07
N THR A 200 -15.50 20.91 -10.07
CA THR A 200 -16.18 20.04 -11.01
CA THR A 200 -16.21 20.03 -10.99
C THR A 200 -16.11 18.59 -10.51
C THR A 200 -16.11 18.59 -10.51
N TYR A 201 -14.94 18.19 -10.02
CA TYR A 201 -14.73 16.84 -9.50
C TYR A 201 -15.52 16.68 -8.19
N LEU A 202 -15.70 17.78 -7.48
CA LEU A 202 -16.47 17.76 -6.24
C LEU A 202 -17.91 17.29 -6.55
N GLN A 203 -18.50 17.85 -7.59
CA GLN A 203 -19.87 17.45 -7.95
C GLN A 203 -19.93 15.96 -8.27
N THR A 204 -18.94 15.48 -9.03
CA THR A 204 -18.89 14.07 -9.38
C THR A 204 -18.81 13.20 -8.13
N LEU A 205 -17.91 13.55 -7.21
CA LEU A 205 -17.74 12.78 -5.98
C LEU A 205 -19.00 12.79 -5.13
N ARG A 206 -19.67 13.95 -5.08
CA ARG A 206 -20.90 14.09 -4.31
C ARG A 206 -22.01 13.19 -4.86
N GLY A 207 -21.98 12.92 -6.15
CA GLY A 207 -22.98 12.05 -6.75
C GLY A 207 -22.70 10.61 -6.41
N LEU A 208 -21.43 10.27 -6.28
CA LEU A 208 -21.04 8.92 -5.92
C LEU A 208 -21.22 8.69 -4.42
N CYS A 209 -21.03 9.75 -3.65
CA CYS A 209 -21.10 9.70 -2.20
C CYS A 209 -22.03 10.79 -1.65
N PRO A 210 -23.34 10.60 -1.82
CA PRO A 210 -24.29 11.59 -1.32
C PRO A 210 -24.32 11.61 0.20
N LEU A 211 -24.74 12.73 0.77
CA LEU A 211 -24.84 12.83 2.22
C LEU A 211 -25.80 11.75 2.70
N ASN A 212 -25.46 11.09 3.80
CA ASN A 212 -26.31 10.04 4.37
C ASN A 212 -26.42 8.82 3.48
N GLY A 213 -25.49 8.69 2.54
CA GLY A 213 -25.50 7.54 1.66
C GLY A 213 -24.71 6.38 2.20
N ASN A 214 -24.50 5.38 1.36
CA ASN A 214 -23.75 4.18 1.73
C ASN A 214 -22.28 4.56 1.90
N LEU A 215 -21.83 4.68 3.14
CA LEU A 215 -20.45 5.05 3.42
C LEU A 215 -19.42 4.02 2.96
N SER A 216 -19.87 2.79 2.72
CA SER A 216 -18.96 1.75 2.26
C SER A 216 -18.84 1.66 0.75
N ALA A 217 -19.57 2.51 0.03
CA ALA A 217 -19.50 2.49 -1.43
C ALA A 217 -18.05 2.81 -1.81
N LEU A 218 -17.58 2.23 -2.91
CA LEU A 218 -16.19 2.44 -3.31
C LEU A 218 -16.02 3.38 -4.49
N VAL A 219 -14.96 4.17 -4.44
N VAL A 219 -14.96 4.17 -4.45
CA VAL A 219 -14.62 5.14 -5.48
CA VAL A 219 -14.66 5.10 -5.53
C VAL A 219 -13.17 4.91 -5.90
C VAL A 219 -13.20 4.91 -5.91
N ASP A 220 -12.87 5.15 -7.17
CA ASP A 220 -11.51 4.97 -7.65
C ASP A 220 -10.58 6.08 -7.19
N PHE A 221 -9.37 5.68 -6.78
CA PHE A 221 -8.36 6.65 -6.35
C PHE A 221 -7.92 7.52 -7.51
N ASP A 222 -7.80 6.92 -8.69
CA ASP A 222 -7.35 7.64 -9.89
C ASP A 222 -8.50 7.73 -10.89
N LEU A 223 -9.00 8.94 -11.12
CA LEU A 223 -10.11 9.12 -12.05
C LEU A 223 -9.67 8.94 -13.50
N ARG A 224 -8.37 9.06 -13.78
CA ARG A 224 -7.90 8.89 -15.15
C ARG A 224 -7.79 7.41 -15.53
N THR A 225 -6.95 6.66 -14.84
CA THR A 225 -6.81 5.22 -15.12
C THR A 225 -6.94 4.42 -13.82
N PRO A 226 -8.19 4.14 -13.40
CA PRO A 226 -8.54 3.41 -12.18
C PRO A 226 -7.80 2.13 -11.84
N THR A 227 -7.41 1.35 -12.85
CA THR A 227 -6.74 0.08 -12.59
C THR A 227 -5.34 -0.04 -13.18
N ILE A 228 -4.86 1.02 -13.83
CA ILE A 228 -3.54 0.98 -14.43
C ILE A 228 -2.48 1.66 -13.56
N PHE A 229 -1.36 0.99 -13.36
CA PHE A 229 -0.30 1.59 -12.55
C PHE A 229 0.50 2.54 -13.43
N ASP A 230 0.26 3.84 -13.26
CA ASP A 230 0.96 4.84 -14.06
C ASP A 230 1.10 6.14 -13.27
N ASN A 231 1.61 7.18 -13.91
CA ASN A 231 1.83 8.44 -13.22
C ASN A 231 0.66 9.41 -13.24
N LYS A 232 -0.50 8.97 -13.71
N LYS A 232 -0.51 8.97 -13.72
CA LYS A 232 -1.66 9.86 -13.81
CA LYS A 232 -1.66 9.86 -13.81
C LYS A 232 -2.15 10.35 -12.44
C LYS A 232 -2.12 10.37 -12.44
N TYR A 233 -1.81 9.63 -11.39
CA TYR A 233 -2.17 10.04 -10.03
C TYR A 233 -1.68 11.46 -9.79
N TYR A 234 -0.46 11.75 -10.23
CA TYR A 234 0.15 13.07 -10.04
C TYR A 234 -0.45 14.16 -10.91
N VAL A 235 -0.83 13.80 -12.14
CA VAL A 235 -1.46 14.78 -13.02
C VAL A 235 -2.76 15.23 -12.34
N ASN A 236 -3.43 14.30 -11.65
CA ASN A 236 -4.68 14.64 -10.95
C ASN A 236 -4.46 15.66 -9.86
N LEU A 237 -3.45 15.43 -9.04
CA LEU A 237 -3.13 16.35 -7.94
C LEU A 237 -2.89 17.77 -8.45
N GLU A 238 -2.21 17.89 -9.59
CA GLU A 238 -1.92 19.20 -10.15
C GLU A 238 -3.20 19.91 -10.54
N GLU A 239 -4.26 19.14 -10.75
CA GLU A 239 -5.54 19.73 -11.12
C GLU A 239 -6.50 19.77 -9.93
N GLN A 240 -5.97 19.56 -8.73
N GLN A 240 -5.95 19.55 -8.74
CA GLN A 240 -6.78 19.56 -7.51
CA GLN A 240 -6.75 19.53 -7.52
C GLN A 240 -7.75 18.39 -7.53
C GLN A 240 -7.74 18.38 -7.52
N LYS A 241 -7.34 17.27 -8.14
CA LYS A 241 -8.19 16.10 -8.20
C LYS A 241 -7.72 14.88 -7.39
N GLY A 242 -6.88 15.12 -6.39
CA GLY A 242 -6.47 14.01 -5.54
C GLY A 242 -7.76 13.59 -4.84
N LEU A 243 -7.95 12.30 -4.63
CA LEU A 243 -9.16 11.79 -4.01
C LEU A 243 -9.29 12.09 -2.50
N ILE A 244 -8.33 11.64 -1.71
CA ILE A 244 -8.39 11.88 -0.27
C ILE A 244 -7.52 13.04 0.15
N GLN A 245 -7.78 13.56 1.34
CA GLN A 245 -7.05 14.69 1.85
C GLN A 245 -5.54 14.52 1.79
N SER A 246 -5.05 13.36 2.22
CA SER A 246 -3.62 13.11 2.23
C SER A 246 -2.97 13.10 0.84
N ASP A 247 -3.78 12.87 -0.20
CA ASP A 247 -3.27 12.89 -1.57
C ASP A 247 -3.04 14.33 -1.98
N GLN A 248 -4.09 15.13 -1.88
CA GLN A 248 -4.02 16.54 -2.30
C GLN A 248 -3.07 17.40 -1.50
N GLU A 249 -2.81 17.05 -0.24
N GLU A 249 -2.82 17.01 -0.25
CA GLU A 249 -1.91 17.87 0.55
CA GLU A 249 -1.92 17.76 0.61
C GLU A 249 -0.49 17.84 -0.02
C GLU A 249 -0.51 17.81 0.02
N LEU A 250 -0.12 16.74 -0.66
CA LEU A 250 1.22 16.66 -1.27
C LEU A 250 1.49 17.84 -2.20
N PHE A 251 0.42 18.38 -2.76
CA PHE A 251 0.55 19.48 -3.71
C PHE A 251 0.00 20.82 -3.22
N SER A 252 -1.02 20.78 -2.35
CA SER A 252 -1.68 22.00 -1.88
C SER A 252 -1.41 22.48 -0.44
N SER A 253 -0.76 21.65 0.36
CA SER A 253 -0.49 22.04 1.75
C SER A 253 0.45 23.22 1.87
N PRO A 254 0.28 24.05 2.92
CA PRO A 254 1.17 25.20 3.09
C PRO A 254 2.60 24.71 3.38
N ASN A 255 2.73 23.44 3.74
CA ASN A 255 4.02 22.84 4.07
C ASN A 255 4.58 22.03 2.89
N ALA A 256 3.98 22.20 1.72
CA ALA A 256 4.36 21.44 0.53
C ALA A 256 5.46 22.03 -0.35
N THR A 257 6.26 22.94 0.19
CA THR A 257 7.31 23.54 -0.61
C THR A 257 8.23 22.46 -1.18
N ASP A 258 8.49 21.43 -0.37
CA ASP A 258 9.37 20.35 -0.82
C ASP A 258 8.67 19.26 -1.61
N THR A 259 7.36 19.06 -1.41
CA THR A 259 6.67 18.01 -2.15
C THR A 259 6.12 18.43 -3.51
N ILE A 260 5.78 19.71 -3.66
CA ILE A 260 5.25 20.21 -4.92
C ILE A 260 6.15 19.89 -6.12
N PRO A 261 7.45 20.21 -6.03
CA PRO A 261 8.32 19.91 -7.17
C PRO A 261 8.41 18.42 -7.49
N LEU A 262 8.27 17.58 -6.47
CA LEU A 262 8.32 16.14 -6.68
C LEU A 262 7.04 15.69 -7.42
N VAL A 263 5.90 16.23 -7.01
CA VAL A 263 4.63 15.89 -7.67
C VAL A 263 4.73 16.25 -9.17
N ARG A 264 5.26 17.44 -9.44
CA ARG A 264 5.39 17.88 -10.82
C ARG A 264 6.34 17.00 -11.59
N SER A 265 7.47 16.67 -10.98
N SER A 265 7.47 16.67 -10.97
CA SER A 265 8.47 15.83 -11.64
CA SER A 265 8.48 15.84 -11.60
C SER A 265 7.90 14.47 -12.01
C SER A 265 7.91 14.48 -12.00
N PHE A 266 7.08 13.91 -11.12
CA PHE A 266 6.49 12.60 -11.39
C PHE A 266 5.32 12.71 -12.37
N ALA A 267 4.64 13.86 -12.38
CA ALA A 267 3.53 14.05 -13.30
C ALA A 267 4.07 14.27 -14.70
N ASN A 268 5.29 14.82 -14.79
CA ASN A 268 5.89 15.11 -16.10
C ASN A 268 6.57 13.94 -16.77
N SER A 269 7.10 13.00 -15.99
CA SER A 269 7.79 11.87 -16.59
C SER A 269 7.52 10.53 -15.95
N THR A 270 7.02 9.61 -16.76
CA THR A 270 6.73 8.27 -16.29
C THR A 270 8.01 7.65 -15.74
N GLN A 271 9.09 7.76 -16.52
CA GLN A 271 10.38 7.21 -16.14
C GLN A 271 10.85 7.73 -14.78
N THR A 272 10.72 9.04 -14.58
CA THR A 272 11.12 9.63 -13.30
C THR A 272 10.28 9.03 -12.16
N PHE A 273 8.97 8.94 -12.36
CA PHE A 273 8.10 8.37 -11.32
C PHE A 273 8.47 6.92 -11.05
N PHE A 274 8.50 6.11 -12.10
CA PHE A 274 8.84 4.70 -11.93
C PHE A 274 10.16 4.49 -11.19
N ASN A 275 11.19 5.25 -11.55
CA ASN A 275 12.49 5.10 -10.89
C ASN A 275 12.38 5.41 -9.39
N ALA A 276 11.68 6.49 -9.06
CA ALA A 276 11.52 6.91 -7.68
C ALA A 276 10.64 5.94 -6.88
N PHE A 277 9.68 5.31 -7.54
CA PHE A 277 8.77 4.35 -6.90
C PHE A 277 9.54 3.08 -6.56
N VAL A 278 10.40 2.63 -7.47
CA VAL A 278 11.18 1.43 -7.20
C VAL A 278 12.11 1.73 -6.03
N GLU A 279 12.77 2.88 -6.11
CA GLU A 279 13.70 3.28 -5.06
C GLU A 279 13.01 3.35 -3.70
N ALA A 280 11.87 4.04 -3.64
CA ALA A 280 11.13 4.19 -2.38
C ALA A 280 10.57 2.84 -1.91
N MET A 281 10.15 1.99 -2.85
CA MET A 281 9.62 0.68 -2.49
C MET A 281 10.67 -0.18 -1.80
N ASP A 282 11.89 -0.19 -2.33
CA ASP A 282 12.94 -1.01 -1.74
C ASP A 282 13.37 -0.45 -0.38
N ARG A 283 13.30 0.86 -0.22
CA ARG A 283 13.65 1.46 1.06
C ARG A 283 12.56 1.06 2.06
N MET A 284 11.28 1.12 1.66
CA MET A 284 10.21 0.72 2.59
C MET A 284 10.36 -0.77 2.89
N GLY A 285 10.75 -1.53 1.87
CA GLY A 285 10.93 -2.96 2.03
C GLY A 285 12.13 -3.31 2.91
N ASN A 286 12.96 -2.32 3.20
N ASN A 286 12.95 -2.32 3.22
CA ASN A 286 14.14 -2.52 4.05
CA ASN A 286 14.14 -2.51 4.03
C ASN A 286 13.92 -2.06 5.50
C ASN A 286 13.93 -2.10 5.50
N ILE A 287 12.68 -1.81 5.87
CA ILE A 287 12.39 -1.39 7.23
C ILE A 287 12.46 -2.53 8.23
N THR A 288 13.37 -2.39 9.19
CA THR A 288 13.60 -3.35 10.27
C THR A 288 13.26 -4.81 10.01
N PRO A 289 13.92 -5.42 9.01
CA PRO A 289 13.63 -6.84 8.73
C PRO A 289 14.29 -7.78 9.73
N LEU A 290 13.69 -8.95 9.89
CA LEU A 290 14.27 -9.98 10.73
C LEU A 290 15.03 -10.79 9.68
N THR A 291 16.29 -11.11 9.95
CA THR A 291 17.09 -11.87 8.99
C THR A 291 17.90 -12.96 9.69
N GLY A 292 18.60 -13.75 8.88
CA GLY A 292 19.45 -14.81 9.41
C GLY A 292 18.67 -15.90 10.10
N THR A 293 18.80 -15.97 11.42
CA THR A 293 18.10 -16.98 12.21
C THR A 293 17.01 -16.33 13.09
N GLN A 294 16.84 -15.02 12.93
CA GLN A 294 15.83 -14.26 13.67
C GLN A 294 14.46 -14.60 13.10
N GLY A 295 13.47 -14.79 13.96
CA GLY A 295 12.14 -15.11 13.44
C GLY A 295 12.13 -16.49 12.79
N GLN A 296 11.13 -16.74 11.96
CA GLN A 296 11.05 -18.05 11.33
C GLN A 296 10.58 -18.01 9.88
N ILE A 297 10.45 -19.19 9.28
CA ILE A 297 9.91 -19.30 7.93
C ILE A 297 8.56 -19.92 8.27
N ARG A 298 7.55 -19.07 8.34
CA ARG A 298 6.19 -19.49 8.68
C ARG A 298 5.63 -20.39 7.58
N LEU A 299 5.04 -21.53 7.97
CA LEU A 299 4.47 -22.47 7.00
C LEU A 299 3.05 -22.09 6.61
N ASN A 300 2.31 -21.51 7.57
CA ASN A 300 0.93 -21.04 7.36
C ASN A 300 1.06 -19.57 7.75
N CYS A 301 0.89 -18.66 6.82
CA CYS A 301 1.07 -17.23 7.13
C CYS A 301 0.18 -16.70 8.25
N ARG A 302 -0.87 -17.44 8.59
CA ARG A 302 -1.82 -16.99 9.61
C ARG A 302 -1.43 -17.29 11.05
N VAL A 303 -0.51 -18.24 11.24
CA VAL A 303 -0.11 -18.61 12.59
C VAL A 303 1.38 -18.86 12.68
N VAL A 304 1.91 -18.72 13.90
N VAL A 304 1.92 -18.71 13.89
CA VAL A 304 3.32 -18.96 14.14
CA VAL A 304 3.33 -18.96 14.11
C VAL A 304 3.49 -20.47 14.07
C VAL A 304 3.48 -20.47 14.04
N ASN A 305 4.66 -20.94 13.66
CA ASN A 305 4.89 -22.38 13.57
C ASN A 305 4.67 -23.09 14.88
N SER A 306 4.10 -24.30 14.78
CA SER A 306 3.77 -25.16 15.91
C SER A 306 3.21 -24.43 17.12
#